data_7D9E
#
_entry.id   7D9E
#
_cell.length_a   49.170
_cell.length_b   99.160
_cell.length_c   53.990
_cell.angle_alpha   90.000
_cell.angle_beta   102.596
_cell.angle_gamma   90.000
#
_symmetry.space_group_name_H-M   'P 1 21 1'
#
loop_
_entity.id
_entity.type
_entity.pdbx_description
1 polymer 'Gamma-glutamyltransferase 1 Threonine peptidase. MEROPS family T03'
2 polymer 'Gamma-glutamyltransferase 1 Threonine peptidase. MEROPS family T03'
3 non-polymer GLYCEROL
4 non-polymer 6-DIAZENYL-5-OXO-L-NORLEUCINE
5 water water
#
loop_
_entity_poly.entity_id
_entity_poly.type
_entity_poly.pdbx_seq_one_letter_code
_entity_poly.pdbx_strand_id
1 'polypeptide(L)'
;MRVFHFSKLPLGVAILAASSSVFAVTLDGGAVAAPDQYGAKVAAEILKKGGNAVDAAVATAFTLAVTYPEAGNIGGGGFM
TLYVDGKPYFLDYREIAPKAATKTMYLNEKGEVIENLSLVGAKAAGVPGTVMGLWEAHQRFGKLKWSELLTPAIGYAQTG
FKVADQQYQYRQDAIALFNGKTNFGDYFGTMKPGEVFKQPELAKTLERIADKGPDDFYKGETAKLLIAQMKQDGGLITSD
DLVDYQAKWREPMRIDWQGNTLYTAPLPSSGGIALAQLIGIKEQRAADFKGVELNSAKYIHLLSEIEKRVFADRADYLGD
PQFSKVPVAQLTDPKYIAKRAGEVNPDAISATEKVRPGLEPHQTTHFSIVD
;
A
2 'polypeptide(L)'
;TTHFSIVDKDGNAVSNTYTLNWDFGSGVVVKGAGFLLNDEMDDFSSKPGVANAFGVVGSDANAIEPGKRMLSSMSPSIVT
RDGHVSLVLGTPGGSRIFTSIFQVLNNVYDFHLPLEKAVAAQRVHHQLLPKDTIYYDAYAPLTGKVADELKAMGYTLEDQ
GWNMGDIQAIRVNGKALETASDPRGRGVGMVVKP
;
B
#
loop_
_chem_comp.id
_chem_comp.type
_chem_comp.name
_chem_comp.formula
GOL non-polymer GLYCEROL 'C3 H8 O3'
#
# COMPACT_ATOMS: atom_id res chain seq x y z
N VAL A 25 -2.23 -27.58 -0.27
CA VAL A 25 -3.63 -27.93 -0.17
C VAL A 25 -4.26 -27.85 -1.56
N THR A 26 -4.69 -28.99 -2.10
CA THR A 26 -5.43 -28.97 -3.37
C THR A 26 -6.75 -28.27 -3.13
N LEU A 27 -6.85 -27.02 -3.56
CA LEU A 27 -8.10 -26.27 -3.53
C LEU A 27 -8.89 -26.51 -4.81
N ASP A 28 -10.17 -26.11 -4.77
CA ASP A 28 -11.02 -26.16 -5.96
C ASP A 28 -10.72 -24.95 -6.84
N GLY A 29 -9.50 -24.94 -7.38
CA GLY A 29 -9.06 -23.89 -8.27
C GLY A 29 -8.18 -22.86 -7.58
N GLY A 30 -7.74 -21.89 -8.39
CA GLY A 30 -7.07 -20.71 -7.89
C GLY A 30 -8.03 -19.53 -7.91
N ALA A 31 -7.51 -18.36 -7.52
CA ALA A 31 -8.34 -17.17 -7.54
C ALA A 31 -7.48 -15.92 -7.61
N VAL A 32 -8.07 -14.86 -8.15
CA VAL A 32 -7.43 -13.54 -8.16
C VAL A 32 -8.47 -12.50 -7.77
N ALA A 33 -8.04 -11.54 -6.95
CA ALA A 33 -8.79 -10.29 -6.73
C ALA A 33 -7.84 -9.16 -7.14
N ALA A 34 -8.15 -8.53 -8.25
CA ALA A 34 -7.29 -7.51 -8.84
C ALA A 34 -8.02 -6.18 -8.91
N PRO A 35 -7.28 -5.08 -8.94
CA PRO A 35 -7.94 -3.77 -8.94
C PRO A 35 -8.49 -3.34 -10.28
N ASP A 36 -8.27 -4.10 -11.34
CA ASP A 36 -8.98 -3.87 -12.59
C ASP A 36 -9.15 -5.19 -13.34
N GLN A 37 -9.91 -5.12 -14.43
CA GLN A 37 -10.27 -6.31 -15.18
C GLN A 37 -9.07 -6.93 -15.89
N TYR A 38 -8.07 -6.12 -16.21
CA TYR A 38 -6.90 -6.59 -16.95
C TYR A 38 -5.96 -7.38 -16.06
N GLY A 39 -5.69 -6.89 -14.86
CA GLY A 39 -4.90 -7.67 -13.93
C GLY A 39 -5.57 -8.99 -13.59
N ALA A 40 -6.90 -8.98 -13.44
CA ALA A 40 -7.64 -10.19 -13.15
C ALA A 40 -7.53 -11.19 -14.29
N LYS A 41 -7.76 -10.73 -15.54
CA LYS A 41 -7.71 -11.62 -16.68
C LYS A 41 -6.32 -12.26 -16.82
N VAL A 42 -5.27 -11.46 -16.64
CA VAL A 42 -3.92 -11.98 -16.80
C VAL A 42 -3.60 -13.00 -15.72
N ALA A 43 -3.85 -12.65 -14.46
CA ALA A 43 -3.58 -13.61 -13.39
C ALA A 43 -4.31 -14.91 -13.64
N ALA A 44 -5.55 -14.84 -14.08
CA ALA A 44 -6.34 -16.04 -14.30
C ALA A 44 -5.77 -16.87 -15.43
N GLU A 45 -5.31 -16.21 -16.51
CA GLU A 45 -4.70 -16.93 -17.62
C GLU A 45 -3.44 -17.67 -17.16
N ILE A 46 -2.62 -17.02 -16.33
CA ILE A 46 -1.41 -17.65 -15.82
C ILE A 46 -1.76 -18.86 -14.97
N LEU A 47 -2.70 -18.71 -14.03
CA LEU A 47 -3.10 -19.84 -13.20
C LEU A 47 -3.68 -20.96 -14.05
N LYS A 48 -4.52 -20.62 -15.02
CA LYS A 48 -5.21 -21.65 -15.81
C LYS A 48 -4.21 -22.56 -16.51
N LYS A 49 -3.09 -22.00 -16.97
CA LYS A 49 -2.10 -22.81 -17.66
C LYS A 49 -1.06 -23.42 -16.73
N GLY A 50 -1.23 -23.31 -15.42
CA GLY A 50 -0.39 -24.00 -14.48
C GLY A 50 0.73 -23.20 -13.87
N GLY A 51 0.76 -21.89 -14.05
CA GLY A 51 1.66 -21.07 -13.27
C GLY A 51 1.23 -21.01 -11.82
N ASN A 52 2.18 -20.74 -10.93
CA ASN A 52 1.88 -20.62 -9.51
C ASN A 52 1.51 -19.18 -9.15
N ALA A 53 1.18 -18.97 -7.88
CA ALA A 53 0.71 -17.65 -7.48
C ALA A 53 1.76 -16.59 -7.74
N VAL A 54 3.05 -16.94 -7.65
CA VAL A 54 4.10 -15.96 -7.86
C VAL A 54 4.23 -15.64 -9.35
N ASP A 55 4.19 -16.67 -10.21
CA ASP A 55 4.14 -16.42 -11.64
C ASP A 55 2.99 -15.48 -11.98
N ALA A 56 1.82 -15.76 -11.43
CA ALA A 56 0.66 -14.94 -11.73
C ALA A 56 0.84 -13.53 -11.19
N ALA A 57 1.45 -13.41 -10.02
CA ALA A 57 1.68 -12.08 -9.43
C ALA A 57 2.64 -11.24 -10.27
N VAL A 58 3.69 -11.87 -10.81
CA VAL A 58 4.61 -11.15 -11.67
C VAL A 58 3.89 -10.63 -12.90
N ALA A 59 3.16 -11.50 -13.59
CA ALA A 59 2.45 -11.06 -14.78
C ALA A 59 1.46 -9.96 -14.45
N THR A 60 0.77 -10.09 -13.31
CA THR A 60 -0.25 -9.10 -12.92
C THR A 60 0.39 -7.75 -12.59
N ALA A 61 1.49 -7.77 -11.85
CA ALA A 61 2.14 -6.53 -11.47
C ALA A 61 2.65 -5.77 -12.69
N PHE A 62 3.20 -6.47 -13.69
CA PHE A 62 3.61 -5.74 -14.89
C PHE A 62 2.40 -5.28 -15.68
N THR A 63 1.30 -6.06 -15.68
CA THR A 63 0.09 -5.64 -16.38
C THR A 63 -0.45 -4.34 -15.80
N LEU A 64 -0.54 -4.26 -14.48
CA LEU A 64 -1.06 -3.05 -13.85
C LEU A 64 -0.12 -1.86 -14.00
N ALA A 65 1.18 -2.10 -14.21
CA ALA A 65 2.11 -1.02 -14.52
C ALA A 65 1.77 -0.36 -15.85
N VAL A 66 1.00 -1.06 -16.70
CA VAL A 66 0.48 -0.51 -17.93
C VAL A 66 -0.93 0.03 -17.76
N THR A 67 -1.83 -0.78 -17.19
CA THR A 67 -3.26 -0.46 -17.19
C THR A 67 -3.70 0.36 -16.00
N TYR A 68 -2.87 0.49 -14.95
CA TYR A 68 -3.42 1.16 -13.77
C TYR A 68 -2.23 2.12 -13.42
N PRO A 69 -1.77 2.96 -14.36
CA PRO A 69 -0.53 3.74 -14.14
C PRO A 69 -0.61 4.76 -12.99
N GLU A 70 -1.80 5.05 -12.49
CA GLU A 70 -1.88 5.91 -11.31
C GLU A 70 -1.17 5.29 -10.12
N ALA A 71 -0.99 3.96 -10.11
CA ALA A 71 -0.45 3.28 -8.95
C ALA A 71 0.39 2.05 -9.30
N GLY A 72 -0.13 1.18 -10.16
CA GLY A 72 0.72 0.13 -10.69
C GLY A 72 1.89 0.74 -11.42
N ASN A 73 3.05 0.09 -11.36
CA ASN A 73 4.23 0.84 -11.72
C ASN A 73 5.44 -0.06 -11.94
N ILE A 74 6.39 0.48 -12.72
CA ILE A 74 7.79 0.08 -12.62
C ILE A 74 8.67 1.17 -12.04
N GLY A 75 8.16 2.39 -11.87
CA GLY A 75 8.91 3.48 -11.30
C GLY A 75 8.70 3.76 -9.83
N GLY A 76 8.08 2.86 -9.10
CA GLY A 76 7.82 3.02 -7.68
C GLY A 76 8.37 1.83 -6.90
N GLY A 77 7.59 1.40 -5.91
CA GLY A 77 8.05 0.31 -5.04
C GLY A 77 6.88 -0.29 -4.31
N GLY A 78 7.17 -1.24 -3.43
CA GLY A 78 6.09 -1.92 -2.73
C GLY A 78 6.58 -3.08 -1.89
N PHE A 79 5.60 -3.87 -1.44
CA PHE A 79 5.82 -4.96 -0.52
C PHE A 79 5.02 -6.16 -0.99
N MET A 80 5.56 -7.36 -0.81
CA MET A 80 4.85 -8.60 -1.14
C MET A 80 4.89 -9.52 0.06
N THR A 81 3.73 -9.96 0.52
CA THR A 81 3.64 -11.00 1.53
C THR A 81 3.24 -12.29 0.83
N LEU A 82 3.92 -13.37 1.15
CA LEU A 82 3.73 -14.63 0.45
C LEU A 82 3.53 -15.76 1.45
N TYR A 83 2.77 -16.76 1.02
CA TYR A 83 2.66 -18.02 1.73
C TYR A 83 2.87 -19.09 0.67
N VAL A 84 4.04 -19.73 0.68
CA VAL A 84 4.44 -20.67 -0.35
C VAL A 84 4.81 -21.99 0.30
N ASP A 85 4.19 -23.07 -0.14
CA ASP A 85 4.44 -24.39 0.44
C ASP A 85 4.33 -24.34 1.96
N GLY A 86 3.35 -23.59 2.44
CA GLY A 86 3.06 -23.55 3.85
C GLY A 86 4.00 -22.72 4.67
N LYS A 87 4.81 -21.87 4.04
CA LYS A 87 5.81 -21.06 4.73
C LYS A 87 5.58 -19.58 4.43
N PRO A 88 5.63 -18.71 5.43
CA PRO A 88 5.44 -17.28 5.18
C PRO A 88 6.72 -16.58 4.78
N TYR A 89 6.59 -15.61 3.88
CA TYR A 89 7.71 -14.82 3.43
C TYR A 89 7.28 -13.37 3.23
N PHE A 90 8.26 -12.47 3.27
CA PHE A 90 8.00 -11.07 3.03
C PHE A 90 9.13 -10.47 2.21
N LEU A 91 8.78 -9.77 1.15
CA LEU A 91 9.75 -9.13 0.26
C LEU A 91 9.53 -7.63 0.26
N ASP A 92 10.58 -6.91 0.63
CA ASP A 92 10.56 -5.45 0.72
C ASP A 92 11.24 -4.91 -0.51
N TYR A 93 10.46 -4.30 -1.41
CA TYR A 93 10.99 -3.61 -2.60
C TYR A 93 10.57 -2.15 -2.56
N ARG A 94 10.62 -1.58 -1.37
CA ARG A 94 10.36 -0.18 -1.13
C ARG A 94 11.51 0.67 -1.68
N GLU A 95 11.16 1.85 -2.18
CA GLU A 95 12.21 2.74 -2.66
C GLU A 95 13.14 3.16 -1.54
N ILE A 96 14.35 3.58 -1.93
CA ILE A 96 15.34 4.12 -1.01
C ILE A 96 15.64 5.56 -1.40
N ALA A 97 16.00 6.37 -0.41
CA ALA A 97 16.44 7.73 -0.70
C ALA A 97 17.72 7.69 -1.52
N PRO A 98 17.85 8.57 -2.53
CA PRO A 98 19.12 8.68 -3.25
C PRO A 98 20.29 9.04 -2.33
N LYS A 99 21.48 8.65 -2.77
CA LYS A 99 22.69 8.89 -1.98
C LYS A 99 22.89 10.38 -1.73
N ALA A 100 22.42 11.23 -2.63
CA ALA A 100 22.55 12.67 -2.46
C ALA A 100 21.42 13.29 -1.65
N ALA A 101 20.49 12.50 -1.13
CA ALA A 101 19.44 13.07 -0.29
C ALA A 101 20.01 13.54 1.05
N THR A 102 19.35 14.54 1.61
N THR A 102 19.35 14.53 1.63
CA THR A 102 19.75 15.11 2.89
CA THR A 102 19.78 15.11 2.90
C THR A 102 18.51 15.35 3.76
C THR A 102 18.56 15.48 3.73
N LYS A 103 18.77 15.50 5.06
CA LYS A 103 17.68 15.69 6.01
C LYS A 103 16.81 16.89 5.71
N THR A 104 17.40 18.02 5.32
CA THR A 104 16.66 19.26 5.12
C THR A 104 16.44 19.62 3.66
N MET A 105 16.46 18.64 2.76
CA MET A 105 16.43 18.94 1.33
C MET A 105 15.12 19.60 0.90
N TYR A 106 14.05 19.45 1.67
CA TYR A 106 12.77 20.02 1.27
C TYR A 106 12.45 21.32 2.01
N LEU A 107 13.42 21.89 2.73
CA LEU A 107 13.19 23.10 3.50
C LEU A 107 13.79 24.31 2.80
N ASN A 108 13.12 25.46 2.96
CA ASN A 108 13.57 26.70 2.34
C ASN A 108 14.34 27.56 3.33
N GLU A 109 14.69 28.78 2.90
CA GLU A 109 15.46 29.73 3.70
C GLU A 109 14.83 30.00 5.05
N LYS A 110 13.54 29.72 5.21
CA LYS A 110 12.85 29.88 6.48
C LYS A 110 12.85 28.61 7.31
N GLY A 111 13.36 27.51 6.77
CA GLY A 111 13.25 26.24 7.47
C GLY A 111 11.89 25.63 7.41
N GLU A 112 11.07 26.04 6.44
CA GLU A 112 9.72 25.52 6.28
C GLU A 112 9.69 24.62 5.06
N VAL A 113 8.72 23.70 5.05
CA VAL A 113 8.62 22.76 3.95
C VAL A 113 8.23 23.52 2.68
N ILE A 114 8.95 23.27 1.60
CA ILE A 114 8.65 23.92 0.33
C ILE A 114 7.45 23.20 -0.27
N GLU A 115 6.39 23.96 -0.57
CA GLU A 115 5.16 23.37 -1.05
C GLU A 115 5.39 22.46 -2.25
N ASN A 116 5.05 21.19 -2.07
CA ASN A 116 4.98 20.19 -3.14
C ASN A 116 6.34 19.76 -3.66
N LEU A 117 7.45 20.21 -3.08
CA LEU A 117 8.76 19.78 -3.58
C LEU A 117 8.98 18.29 -3.36
N SER A 118 8.40 17.72 -2.31
CA SER A 118 8.50 16.28 -2.07
C SER A 118 7.38 15.51 -2.76
N LEU A 119 6.54 16.19 -3.55
CA LEU A 119 5.44 15.50 -4.24
C LEU A 119 5.47 15.62 -5.74
N VAL A 120 6.05 16.68 -6.29
CA VAL A 120 5.98 16.99 -7.70
C VAL A 120 7.40 17.19 -8.22
N GLY A 121 7.74 16.51 -9.30
CA GLY A 121 9.02 16.70 -9.95
C GLY A 121 10.06 15.70 -9.50
N ALA A 122 11.27 15.84 -10.08
CA ALA A 122 12.22 14.73 -10.01
C ALA A 122 12.83 14.57 -8.62
N LYS A 123 12.93 15.65 -7.86
CA LYS A 123 13.51 15.54 -6.52
C LYS A 123 12.58 14.81 -5.54
N ALA A 124 11.34 14.54 -5.92
CA ALA A 124 10.40 13.81 -5.07
C ALA A 124 10.59 12.31 -5.14
N ALA A 125 11.44 11.80 -6.03
CA ALA A 125 11.51 10.37 -6.30
C ALA A 125 12.53 9.65 -5.44
N GLY A 126 12.12 8.50 -4.90
CA GLY A 126 13.07 7.53 -4.40
C GLY A 126 13.53 6.59 -5.52
N VAL A 127 14.59 5.83 -5.22
CA VAL A 127 15.11 4.88 -6.19
C VAL A 127 14.10 3.76 -6.38
N PRO A 128 13.60 3.49 -7.60
CA PRO A 128 12.50 2.50 -7.74
C PRO A 128 12.94 1.09 -7.42
N GLY A 129 12.03 0.34 -6.78
CA GLY A 129 12.29 -1.04 -6.40
C GLY A 129 11.49 -2.12 -7.12
N THR A 130 10.42 -1.74 -7.83
CA THR A 130 9.47 -2.74 -8.29
C THR A 130 10.10 -3.81 -9.20
N VAL A 131 10.88 -3.40 -10.20
CA VAL A 131 11.45 -4.40 -11.10
C VAL A 131 12.34 -5.37 -10.33
N MET A 132 13.16 -4.87 -9.40
CA MET A 132 13.97 -5.76 -8.58
C MET A 132 13.14 -6.68 -7.72
N GLY A 133 12.08 -6.15 -7.10
CA GLY A 133 11.22 -6.98 -6.27
C GLY A 133 10.59 -8.12 -7.04
N LEU A 134 9.99 -7.81 -8.18
CA LEU A 134 9.33 -8.85 -8.97
C LEU A 134 10.34 -9.89 -9.44
N TRP A 135 11.54 -9.44 -9.83
CA TRP A 135 12.60 -10.36 -10.20
C TRP A 135 12.98 -11.30 -9.04
N GLU A 136 13.24 -10.72 -7.87
CA GLU A 136 13.63 -11.54 -6.73
C GLU A 136 12.55 -12.55 -6.36
N ALA A 137 11.29 -12.14 -6.38
CA ALA A 137 10.22 -13.08 -6.06
C ALA A 137 10.17 -14.21 -7.08
N HIS A 138 10.25 -13.87 -8.37
CA HIS A 138 10.20 -14.89 -9.40
C HIS A 138 11.40 -15.82 -9.35
N GLN A 139 12.59 -15.27 -9.12
CA GLN A 139 13.79 -16.11 -9.04
C GLN A 139 13.64 -17.16 -7.94
N ARG A 140 12.98 -16.79 -6.86
CA ARG A 140 12.93 -17.72 -5.72
C ARG A 140 11.79 -18.74 -5.84
N PHE A 141 10.65 -18.34 -6.41
CA PHE A 141 9.46 -19.17 -6.35
C PHE A 141 8.81 -19.46 -7.69
N GLY A 142 9.18 -18.75 -8.76
CA GLY A 142 8.46 -18.91 -10.01
C GLY A 142 8.67 -20.25 -10.68
N LYS A 143 7.68 -20.63 -11.49
CA LYS A 143 7.70 -21.87 -12.26
C LYS A 143 7.75 -21.63 -13.76
N LEU A 144 7.22 -20.52 -14.25
CA LEU A 144 7.17 -20.21 -15.68
C LEU A 144 8.30 -19.25 -16.06
N LYS A 145 8.56 -19.18 -17.36
CA LYS A 145 9.67 -18.36 -17.84
C LYS A 145 9.37 -16.88 -17.69
N TRP A 146 10.35 -16.14 -17.15
CA TRP A 146 10.18 -14.71 -16.92
C TRP A 146 9.73 -13.97 -18.17
N SER A 147 10.39 -14.20 -19.30
CA SER A 147 10.07 -13.42 -20.49
C SER A 147 8.61 -13.59 -20.89
N GLU A 148 8.06 -14.80 -20.73
CA GLU A 148 6.67 -15.04 -21.11
C GLU A 148 5.71 -14.33 -20.17
N LEU A 149 6.09 -14.13 -18.91
CA LEU A 149 5.21 -13.45 -17.96
C LEU A 149 5.07 -11.97 -18.27
N LEU A 150 5.99 -11.40 -19.03
CA LEU A 150 5.90 -10.00 -19.44
C LEU A 150 5.04 -9.82 -20.68
N THR A 151 4.73 -10.88 -21.42
CA THR A 151 4.06 -10.68 -22.70
C THR A 151 2.67 -10.07 -22.55
N PRO A 152 1.86 -10.43 -21.55
CA PRO A 152 0.56 -9.74 -21.42
C PRO A 152 0.71 -8.24 -21.25
N ALA A 153 1.60 -7.81 -20.35
CA ALA A 153 1.80 -6.38 -20.14
C ALA A 153 2.31 -5.70 -21.40
N ILE A 154 3.24 -6.33 -22.11
CA ILE A 154 3.72 -5.74 -23.36
C ILE A 154 2.56 -5.52 -24.31
N GLY A 155 1.66 -6.50 -24.39
CA GLY A 155 0.53 -6.38 -25.30
C GLY A 155 -0.40 -5.23 -24.94
N TYR A 156 -0.70 -5.06 -23.65
CA TYR A 156 -1.55 -3.95 -23.24
C TYR A 156 -0.87 -2.61 -23.51
N ALA A 157 0.46 -2.55 -23.41
CA ALA A 157 1.15 -1.31 -23.74
C ALA A 157 1.10 -1.05 -25.24
N GLN A 158 1.29 -2.08 -26.07
CA GLN A 158 1.32 -1.90 -27.51
C GLN A 158 -0.05 -1.57 -28.09
N THR A 159 -1.08 -2.34 -27.72
CA THR A 159 -2.37 -2.25 -28.38
C THR A 159 -3.47 -1.63 -27.52
N GLY A 160 -3.21 -1.39 -26.24
CA GLY A 160 -3.98 -0.48 -25.43
C GLY A 160 -4.87 -1.18 -24.42
N PHE A 161 -5.42 -0.35 -23.53
CA PHE A 161 -6.48 -0.75 -22.60
C PHE A 161 -7.47 0.42 -22.52
N LYS A 162 -8.67 0.13 -22.03
CA LYS A 162 -9.74 1.12 -21.93
C LYS A 162 -9.64 1.88 -20.60
N VAL A 163 -9.48 3.21 -20.71
CA VAL A 163 -9.36 4.08 -19.54
C VAL A 163 -10.68 4.13 -18.78
N ALA A 164 -10.62 3.98 -17.47
CA ALA A 164 -11.78 4.00 -16.59
C ALA A 164 -12.18 5.41 -16.17
N ASP A 165 -13.45 5.58 -15.82
CA ASP A 165 -13.93 6.89 -15.37
C ASP A 165 -13.19 7.36 -14.12
N GLN A 166 -13.06 6.47 -13.11
CA GLN A 166 -12.39 6.88 -11.88
C GLN A 166 -10.93 7.18 -12.14
N GLN A 167 -10.31 6.43 -13.06
CA GLN A 167 -8.92 6.65 -13.41
C GLN A 167 -8.74 8.04 -14.01
N TYR A 168 -9.66 8.45 -14.87
CA TYR A 168 -9.58 9.79 -15.44
C TYR A 168 -9.74 10.86 -14.36
N GLN A 169 -10.65 10.64 -13.40
CA GLN A 169 -10.78 11.60 -12.30
C GLN A 169 -9.49 11.74 -11.51
N TYR A 170 -8.79 10.62 -11.23
CA TYR A 170 -7.49 10.74 -10.59
C TYR A 170 -6.49 11.48 -11.47
N ARG A 171 -6.55 11.25 -12.79
CA ARG A 171 -5.71 12.00 -13.70
C ARG A 171 -5.93 13.49 -13.57
N GLN A 172 -7.19 13.92 -13.45
CA GLN A 172 -7.49 15.34 -13.34
C GLN A 172 -6.95 15.91 -12.04
N ASP A 173 -7.05 15.14 -10.96
CA ASP A 173 -6.48 15.56 -9.69
C ASP A 173 -4.98 15.73 -9.81
N ALA A 174 -4.32 14.79 -10.49
CA ALA A 174 -2.88 14.88 -10.64
C ALA A 174 -2.49 16.09 -11.49
N ILE A 175 -3.23 16.33 -12.56
CA ILE A 175 -2.95 17.49 -13.41
C ILE A 175 -3.07 18.77 -12.61
N ALA A 176 -4.05 18.86 -11.72
CA ALA A 176 -4.17 20.04 -10.87
C ALA A 176 -2.94 20.22 -10.00
N LEU A 177 -2.41 19.11 -9.45
CA LEU A 177 -1.23 19.20 -8.62
C LEU A 177 0.02 19.53 -9.44
N PHE A 178 0.19 18.88 -10.59
CA PHE A 178 1.41 19.06 -11.37
C PHE A 178 1.47 20.45 -12.02
N ASN A 179 0.33 21.07 -12.27
CA ASN A 179 0.29 22.46 -12.74
C ASN A 179 1.36 22.81 -13.76
N GLY A 180 1.59 21.97 -14.76
CA GLY A 180 2.57 22.34 -15.74
C GLY A 180 4.01 22.42 -15.26
N LYS A 181 4.36 21.73 -14.18
CA LYS A 181 5.74 21.66 -13.71
C LYS A 181 6.48 20.40 -14.16
N THR A 182 5.82 19.51 -14.90
CA THR A 182 6.44 18.24 -15.34
C THR A 182 6.00 17.94 -16.77
N ASN A 183 6.47 16.81 -17.30
CA ASN A 183 6.12 16.36 -18.64
C ASN A 183 4.94 15.41 -18.67
N PHE A 184 4.18 15.34 -17.57
CA PHE A 184 3.08 14.40 -17.46
C PHE A 184 2.12 14.48 -18.63
N GLY A 185 1.74 15.69 -19.00
CA GLY A 185 0.76 15.89 -20.06
C GLY A 185 1.23 15.42 -21.42
N ASP A 186 2.55 15.34 -21.62
CA ASP A 186 3.08 14.89 -22.89
C ASP A 186 2.93 13.38 -23.08
N TYR A 187 2.73 12.62 -22.01
CA TYR A 187 2.58 11.17 -22.09
C TYR A 187 1.20 10.69 -21.73
N PHE A 188 0.49 11.37 -20.82
CA PHE A 188 -0.81 10.92 -20.33
C PHE A 188 -1.92 11.87 -20.74
N GLY A 189 -1.61 12.85 -21.57
CA GLY A 189 -2.61 13.79 -22.02
C GLY A 189 -3.74 13.15 -22.80
N THR A 190 -3.45 12.07 -23.52
CA THR A 190 -4.47 11.38 -24.33
C THR A 190 -5.30 10.35 -23.56
N MET A 191 -5.04 10.17 -22.25
N MET A 191 -5.00 10.14 -22.28
CA MET A 191 -5.84 9.30 -21.39
CA MET A 191 -5.86 9.32 -21.43
C MET A 191 -7.23 9.91 -21.23
C MET A 191 -7.22 9.98 -21.33
N LYS A 192 -8.25 9.31 -21.85
CA LYS A 192 -9.58 9.86 -21.85
C LYS A 192 -10.57 8.76 -21.46
N PRO A 193 -11.57 9.08 -20.64
CA PRO A 193 -12.42 8.03 -20.10
C PRO A 193 -13.16 7.30 -21.20
N GLY A 194 -13.11 5.96 -21.13
CA GLY A 194 -13.76 5.11 -22.09
C GLY A 194 -12.97 4.84 -23.35
N GLU A 195 -11.83 5.50 -23.55
CA GLU A 195 -11.07 5.39 -24.78
C GLU A 195 -9.82 4.54 -24.57
N VAL A 196 -9.34 3.94 -25.65
CA VAL A 196 -8.19 3.06 -25.58
C VAL A 196 -6.92 3.89 -25.58
N PHE A 197 -6.05 3.65 -24.60
CA PHE A 197 -4.80 4.37 -24.39
C PHE A 197 -3.65 3.43 -24.62
N LYS A 198 -2.76 3.80 -25.55
CA LYS A 198 -1.58 3.01 -25.91
C LYS A 198 -0.31 3.68 -25.43
N GLN A 199 0.69 2.86 -25.13
CA GLN A 199 1.95 3.32 -24.54
C GLN A 199 3.13 2.63 -25.20
N PRO A 200 3.49 3.07 -26.40
CA PRO A 200 4.53 2.35 -27.16
C PRO A 200 5.92 2.40 -26.56
N GLU A 201 6.32 3.52 -25.95
CA GLU A 201 7.64 3.58 -25.33
C GLU A 201 7.72 2.61 -24.16
N LEU A 202 6.65 2.54 -23.37
CA LEU A 202 6.61 1.62 -22.25
C LEU A 202 6.64 0.18 -22.74
N ALA A 203 5.97 -0.11 -23.86
CA ALA A 203 6.04 -1.45 -24.41
C ALA A 203 7.48 -1.85 -24.71
N LYS A 204 8.25 -0.94 -25.29
CA LYS A 204 9.65 -1.25 -25.57
C LYS A 204 10.45 -1.45 -24.28
N THR A 205 10.16 -0.65 -23.25
CA THR A 205 10.81 -0.83 -21.97
C THR A 205 10.52 -2.20 -21.39
N LEU A 206 9.25 -2.62 -21.45
CA LEU A 206 8.87 -3.92 -20.94
C LEU A 206 9.49 -5.06 -21.75
N GLU A 207 9.70 -4.85 -23.07
CA GLU A 207 10.40 -5.85 -23.87
C GLU A 207 11.85 -6.01 -23.40
N ARG A 208 12.52 -4.90 -23.10
CA ARG A 208 13.88 -4.99 -22.58
C ARG A 208 13.91 -5.71 -21.23
N ILE A 209 12.95 -5.38 -20.35
CA ILE A 209 12.87 -6.06 -19.05
C ILE A 209 12.59 -7.55 -19.25
N ALA A 210 11.77 -7.90 -20.24
CA ALA A 210 11.50 -9.31 -20.50
C ALA A 210 12.78 -10.04 -20.88
N ASP A 211 13.67 -9.38 -21.61
CA ASP A 211 14.89 -10.00 -22.10
C ASP A 211 16.03 -9.93 -21.10
N LYS A 212 16.12 -8.85 -20.32
CA LYS A 212 17.29 -8.58 -19.49
C LYS A 212 16.96 -8.45 -18.01
N GLY A 213 15.71 -8.55 -17.62
CA GLY A 213 15.37 -8.45 -16.23
C GLY A 213 15.79 -7.13 -15.62
N PRO A 214 16.16 -7.16 -14.35
CA PRO A 214 16.60 -5.92 -13.70
C PRO A 214 17.84 -5.33 -14.33
N ASP A 215 18.57 -6.09 -15.16
CA ASP A 215 19.77 -5.53 -15.77
C ASP A 215 19.40 -4.34 -16.66
N ASP A 216 18.28 -4.40 -17.37
CA ASP A 216 17.89 -3.26 -18.18
C ASP A 216 17.54 -2.07 -17.30
N PHE A 217 16.74 -2.30 -16.27
CA PHE A 217 16.21 -1.19 -15.48
C PHE A 217 17.30 -0.49 -14.67
N TYR A 218 18.22 -1.26 -14.09
CA TYR A 218 19.19 -0.70 -13.16
C TYR A 218 20.57 -0.48 -13.78
N LYS A 219 20.89 -1.16 -14.90
CA LYS A 219 22.23 -1.12 -15.46
C LYS A 219 22.27 -0.91 -16.98
N GLY A 220 21.11 -0.91 -17.64
CA GLY A 220 21.05 -0.90 -19.10
C GLY A 220 20.39 0.31 -19.72
N GLU A 221 19.67 0.11 -20.83
CA GLU A 221 19.13 1.24 -21.59
C GLU A 221 18.13 2.04 -20.75
N THR A 222 17.26 1.36 -20.02
CA THR A 222 16.28 2.07 -19.21
C THR A 222 16.96 2.89 -18.11
N ALA A 223 17.98 2.32 -17.47
CA ALA A 223 18.74 3.09 -16.49
C ALA A 223 19.28 4.37 -17.12
N LYS A 224 19.87 4.27 -18.31
CA LYS A 224 20.44 5.44 -18.95
C LYS A 224 19.37 6.51 -19.20
N LEU A 225 18.17 6.08 -19.62
CA LEU A 225 17.11 7.05 -19.86
C LEU A 225 16.63 7.69 -18.57
N LEU A 226 16.58 6.91 -17.48
CA LEU A 226 16.20 7.46 -16.19
C LEU A 226 17.23 8.49 -15.73
N ILE A 227 18.51 8.17 -15.88
CA ILE A 227 19.55 9.11 -15.49
C ILE A 227 19.46 10.38 -16.32
N ALA A 228 19.20 10.25 -17.62
CA ALA A 228 19.09 11.43 -18.46
C ALA A 228 17.93 12.31 -18.01
N GLN A 229 16.81 11.70 -17.60
CA GLN A 229 15.70 12.50 -17.14
C GLN A 229 16.05 13.23 -15.85
N MET A 230 16.80 12.57 -14.96
CA MET A 230 17.26 13.25 -13.75
C MET A 230 18.15 14.44 -14.10
N LYS A 231 19.06 14.27 -15.05
CA LYS A 231 19.90 15.38 -15.47
C LYS A 231 19.05 16.52 -16.01
N GLN A 232 18.06 16.18 -16.84
CA GLN A 232 17.22 17.21 -17.44
C GLN A 232 16.40 17.96 -16.39
N ASP A 233 15.93 17.26 -15.36
CA ASP A 233 14.97 17.81 -14.42
C ASP A 233 15.59 18.19 -13.07
N GLY A 234 16.90 18.09 -12.92
CA GLY A 234 17.52 18.41 -11.65
C GLY A 234 17.30 17.38 -10.55
N GLY A 235 17.14 16.11 -10.90
CA GLY A 235 16.94 15.08 -9.92
C GLY A 235 18.24 14.61 -9.31
N LEU A 236 18.12 13.65 -8.39
CA LEU A 236 19.24 13.21 -7.59
C LEU A 236 19.69 11.79 -7.93
N ILE A 237 18.84 11.00 -8.56
CA ILE A 237 19.15 9.59 -8.78
C ILE A 237 20.25 9.47 -9.81
N THR A 238 21.25 8.65 -9.48
CA THR A 238 22.43 8.43 -10.32
C THR A 238 22.56 6.94 -10.65
N SER A 239 23.48 6.62 -11.57
CA SER A 239 23.76 5.21 -11.84
C SER A 239 24.15 4.46 -10.58
N ASP A 240 24.92 5.09 -9.69
CA ASP A 240 25.31 4.44 -8.44
C ASP A 240 24.09 4.02 -7.62
N ASP A 241 23.07 4.89 -7.55
CA ASP A 241 21.86 4.58 -6.81
C ASP A 241 21.19 3.35 -7.39
N LEU A 242 21.11 3.29 -8.72
CA LEU A 242 20.44 2.17 -9.37
C LEU A 242 21.20 0.87 -9.19
N VAL A 243 22.53 0.89 -9.40
CA VAL A 243 23.28 -0.36 -9.28
C VAL A 243 23.31 -0.85 -7.84
N ASP A 244 23.17 0.04 -6.87
CA ASP A 244 23.21 -0.35 -5.47
C ASP A 244 21.85 -0.80 -4.92
N TYR A 245 20.75 -0.61 -5.67
CA TYR A 245 19.44 -0.97 -5.15
C TYR A 245 19.34 -2.48 -4.90
N GLN A 246 18.81 -2.86 -3.74
CA GLN A 246 18.54 -4.25 -3.43
C GLN A 246 17.15 -4.34 -2.78
N ALA A 247 16.35 -5.28 -3.25
CA ALA A 247 15.18 -5.67 -2.47
C ALA A 247 15.67 -6.54 -1.32
N LYS A 248 14.86 -6.62 -0.26
CA LYS A 248 15.26 -7.34 0.94
C LYS A 248 14.18 -8.30 1.36
N TRP A 249 14.56 -9.56 1.60
CA TRP A 249 13.67 -10.50 2.25
C TRP A 249 13.73 -10.23 3.75
N ARG A 250 12.56 -10.20 4.40
CA ARG A 250 12.48 -9.99 5.83
C ARG A 250 11.53 -11.01 6.44
N GLU A 251 11.65 -11.22 7.74
CA GLU A 251 10.64 -12.02 8.43
C GLU A 251 9.32 -11.24 8.50
N PRO A 252 8.21 -11.82 8.08
CA PRO A 252 6.94 -11.09 8.18
C PRO A 252 6.54 -10.91 9.62
N MET A 253 5.78 -9.85 9.87
CA MET A 253 5.12 -9.68 11.17
C MET A 253 4.10 -10.80 11.33
N ARG A 254 4.11 -11.46 12.50
CA ARG A 254 3.15 -12.51 12.82
C ARG A 254 2.32 -12.09 14.02
N ILE A 255 0.99 -12.18 13.86
CA ILE A 255 0.02 -11.82 14.88
C ILE A 255 -0.96 -12.99 15.04
N ASP A 256 -1.09 -13.50 16.25
CA ASP A 256 -1.98 -14.61 16.52
C ASP A 256 -3.17 -14.16 17.34
N TRP A 257 -4.36 -14.60 16.96
CA TRP A 257 -5.53 -14.36 17.80
C TRP A 257 -6.60 -15.37 17.41
N GLN A 258 -7.32 -15.86 18.42
CA GLN A 258 -8.46 -16.76 18.22
C GLN A 258 -8.13 -17.95 17.32
N GLY A 259 -6.89 -18.44 17.39
CA GLY A 259 -6.47 -19.58 16.60
C GLY A 259 -6.05 -19.25 15.19
N ASN A 260 -6.14 -17.99 14.77
CA ASN A 260 -5.71 -17.55 13.46
C ASN A 260 -4.31 -16.93 13.55
N THR A 261 -3.58 -17.00 12.44
CA THR A 261 -2.26 -16.40 12.35
C THR A 261 -2.26 -15.44 11.17
N LEU A 262 -2.09 -14.15 11.45
CA LEU A 262 -1.97 -13.11 10.44
C LEU A 262 -0.50 -12.84 10.16
N TYR A 263 -0.12 -12.89 8.89
CA TYR A 263 1.20 -12.50 8.44
C TYR A 263 1.05 -11.21 7.65
N THR A 264 1.84 -10.19 8.01
CA THR A 264 1.70 -8.88 7.38
C THR A 264 3.05 -8.19 7.37
N ALA A 265 3.04 -6.93 6.93
CA ALA A 265 4.28 -6.24 6.62
C ALA A 265 4.98 -5.78 7.89
N PRO A 266 6.25 -6.14 8.08
CA PRO A 266 7.05 -5.58 9.17
C PRO A 266 7.65 -4.25 8.72
N LEU A 267 8.43 -3.66 9.61
CA LEU A 267 9.16 -2.45 9.25
C LEU A 267 9.96 -2.70 7.98
N PRO A 268 10.03 -1.73 7.06
CA PRO A 268 9.63 -0.33 7.15
C PRO A 268 8.15 -0.01 6.96
N SER A 269 7.28 -1.02 6.93
CA SER A 269 5.86 -0.76 7.11
C SER A 269 5.54 -0.58 8.58
N SER A 270 4.73 0.43 8.89
CA SER A 270 4.13 0.61 10.20
C SER A 270 2.90 -0.27 10.39
N GLY A 271 2.45 -0.96 9.33
CA GLY A 271 1.18 -1.66 9.42
C GLY A 271 1.23 -2.91 10.28
N GLY A 272 2.37 -3.60 10.30
CA GLY A 272 2.46 -4.80 11.14
C GLY A 272 2.33 -4.47 12.61
N ILE A 273 3.13 -3.51 13.08
CA ILE A 273 3.05 -3.07 14.46
C ILE A 273 1.67 -2.51 14.76
N ALA A 274 1.14 -1.68 13.85
CA ALA A 274 -0.19 -1.14 14.05
C ALA A 274 -1.23 -2.25 14.19
N LEU A 275 -1.23 -3.22 13.28
CA LEU A 275 -2.22 -4.29 13.38
C LEU A 275 -2.03 -5.14 14.64
N ALA A 276 -0.77 -5.39 15.04
CA ALA A 276 -0.56 -6.14 16.28
C ALA A 276 -1.19 -5.40 17.46
N GLN A 277 -1.06 -4.06 17.45
CA GLN A 277 -1.63 -3.25 18.52
C GLN A 277 -3.15 -3.15 18.40
N LEU A 278 -3.66 -2.93 17.18
CA LEU A 278 -5.10 -2.79 17.00
C LEU A 278 -5.82 -4.07 17.38
N ILE A 279 -5.34 -5.21 16.88
CA ILE A 279 -5.97 -6.49 17.19
C ILE A 279 -5.79 -6.83 18.66
N GLY A 280 -4.59 -6.62 19.18
CA GLY A 280 -4.33 -6.99 20.56
C GLY A 280 -5.15 -6.17 21.53
N ILE A 281 -5.26 -4.87 21.27
CA ILE A 281 -6.02 -4.01 22.15
C ILE A 281 -7.49 -4.32 22.04
N LYS A 282 -7.99 -4.53 20.83
CA LYS A 282 -9.41 -4.86 20.70
C LYS A 282 -9.75 -6.13 21.45
N GLU A 283 -8.87 -7.14 21.38
CA GLU A 283 -9.10 -8.37 22.13
C GLU A 283 -9.12 -8.11 23.64
N GLN A 284 -8.17 -7.28 24.11
CA GLN A 284 -8.13 -6.94 25.54
C GLN A 284 -9.41 -6.28 25.99
N ARG A 285 -10.04 -5.50 25.11
CA ARG A 285 -11.25 -4.76 25.42
C ARG A 285 -12.53 -5.47 24.92
N ALA A 286 -12.52 -6.80 24.87
CA ALA A 286 -13.65 -7.53 24.34
C ALA A 286 -14.93 -7.23 25.11
N ALA A 287 -14.83 -7.03 26.43
CA ALA A 287 -16.06 -6.78 27.18
C ALA A 287 -16.73 -5.48 26.74
N ASP A 288 -15.95 -4.48 26.32
CA ASP A 288 -16.51 -3.21 25.88
C ASP A 288 -17.11 -3.29 24.48
N PHE A 289 -16.67 -4.24 23.66
CA PHE A 289 -17.23 -4.44 22.33
C PHE A 289 -18.44 -5.37 22.34
N LYS A 290 -18.73 -6.04 23.45
CA LYS A 290 -19.77 -7.05 23.46
C LYS A 290 -21.13 -6.40 23.28
N GLY A 291 -21.87 -6.89 22.29
CA GLY A 291 -23.18 -6.35 21.99
C GLY A 291 -23.17 -5.03 21.24
N VAL A 292 -22.01 -4.51 20.87
CA VAL A 292 -21.93 -3.23 20.18
C VAL A 292 -22.02 -3.48 18.68
N GLU A 293 -22.93 -2.76 18.02
CA GLU A 293 -23.17 -3.02 16.61
C GLU A 293 -22.10 -2.35 15.73
N LEU A 294 -21.81 -3.02 14.61
CA LEU A 294 -20.84 -2.52 13.66
C LEU A 294 -21.24 -1.14 13.19
N ASN A 295 -20.30 -0.21 13.29
CA ASN A 295 -20.43 1.16 12.79
C ASN A 295 -21.48 1.97 13.54
N SER A 296 -21.86 1.51 14.74
CA SER A 296 -22.54 2.38 15.67
C SER A 296 -21.55 3.45 16.14
N ALA A 297 -22.09 4.50 16.77
CA ALA A 297 -21.23 5.53 17.32
C ALA A 297 -20.26 4.94 18.33
N LYS A 298 -20.74 4.06 19.21
CA LYS A 298 -19.86 3.48 20.22
C LYS A 298 -18.74 2.68 19.57
N TYR A 299 -19.07 1.90 18.53
CA TYR A 299 -18.06 1.10 17.85
C TYR A 299 -16.98 2.00 17.26
N ILE A 300 -17.40 3.05 16.56
CA ILE A 300 -16.45 3.94 15.90
C ILE A 300 -15.63 4.70 16.92
N HIS A 301 -16.26 5.08 18.03
CA HIS A 301 -15.52 5.74 19.09
C HIS A 301 -14.45 4.83 19.67
N LEU A 302 -14.80 3.56 19.91
CA LEU A 302 -13.83 2.61 20.44
C LEU A 302 -12.66 2.44 19.48
N LEU A 303 -12.93 2.26 18.18
CA LEU A 303 -11.81 2.14 17.25
C LEU A 303 -10.93 3.39 17.29
N SER A 304 -11.56 4.57 17.37
CA SER A 304 -10.80 5.82 17.39
C SER A 304 -9.91 5.90 18.62
N GLU A 305 -10.41 5.43 19.77
CA GLU A 305 -9.60 5.46 20.99
C GLU A 305 -8.38 4.56 20.84
N ILE A 306 -8.54 3.41 20.18
CA ILE A 306 -7.41 2.54 19.94
C ILE A 306 -6.45 3.20 18.96
N GLU A 307 -6.98 3.80 17.89
CA GLU A 307 -6.15 4.41 16.87
C GLU A 307 -5.33 5.57 17.41
N LYS A 308 -5.84 6.27 18.43
CA LYS A 308 -5.08 7.35 19.05
C LYS A 308 -3.73 6.84 19.53
N ARG A 309 -3.72 5.68 20.21
CA ARG A 309 -2.50 5.16 20.81
C ARG A 309 -1.58 4.59 19.73
N VAL A 310 -2.15 3.93 18.74
CA VAL A 310 -1.38 3.38 17.63
C VAL A 310 -0.62 4.48 16.90
N PHE A 311 -1.31 5.59 16.60
CA PHE A 311 -0.64 6.64 15.85
C PHE A 311 0.34 7.42 16.72
N ALA A 312 0.12 7.48 18.03
CA ALA A 312 1.13 8.09 18.89
C ALA A 312 2.46 7.34 18.79
N ASP A 313 2.41 6.00 18.82
CA ASP A 313 3.61 5.20 18.75
C ASP A 313 4.25 5.27 17.36
N ARG A 314 3.41 5.22 16.32
CA ARG A 314 3.90 5.26 14.95
C ARG A 314 4.76 6.49 14.69
N ALA A 315 4.30 7.66 15.18
CA ALA A 315 4.99 8.90 14.87
C ALA A 315 6.32 9.01 15.60
N ASP A 316 6.44 8.37 16.75
CA ASP A 316 7.62 8.58 17.59
C ASP A 316 8.72 7.59 17.32
N TYR A 317 8.38 6.32 17.03
CA TYR A 317 9.35 5.25 17.09
C TYR A 317 9.73 4.64 15.75
N LEU A 318 8.90 4.76 14.73
CA LEU A 318 9.00 3.85 13.59
C LEU A 318 9.71 4.46 12.39
N GLY A 319 10.53 3.63 11.75
CA GLY A 319 11.29 4.01 10.59
C GLY A 319 12.07 2.82 10.10
N ASP A 320 12.93 3.04 9.10
CA ASP A 320 13.73 1.95 8.54
C ASP A 320 14.51 1.27 9.66
N PRO A 321 14.35 -0.03 9.87
CA PRO A 321 14.92 -0.66 11.07
C PRO A 321 16.42 -0.86 11.03
N GLN A 322 17.05 -0.61 9.89
CA GLN A 322 18.50 -0.66 9.81
C GLN A 322 19.14 0.69 10.07
N PHE A 323 18.35 1.75 10.22
CA PHE A 323 18.88 3.09 10.44
C PHE A 323 18.69 3.59 11.86
N SER A 324 17.89 2.89 12.66
CA SER A 324 17.80 3.17 14.09
C SER A 324 17.40 1.86 14.77
N LYS A 325 17.57 1.81 16.09
CA LYS A 325 17.17 0.64 16.87
C LYS A 325 15.71 0.79 17.28
N VAL A 326 14.82 0.30 16.45
CA VAL A 326 13.39 0.48 16.68
C VAL A 326 12.91 -0.54 17.72
N PRO A 327 12.19 -0.12 18.76
CA PRO A 327 11.83 -1.05 19.85
C PRO A 327 10.62 -1.93 19.52
N VAL A 328 10.76 -2.75 18.48
CA VAL A 328 9.62 -3.53 17.99
C VAL A 328 9.09 -4.46 19.08
N ALA A 329 9.99 -5.16 19.75
CA ALA A 329 9.56 -6.10 20.78
C ALA A 329 8.79 -5.39 21.89
N GLN A 330 9.30 -4.24 22.33
CA GLN A 330 8.61 -3.53 23.42
C GLN A 330 7.23 -3.07 22.98
N LEU A 331 7.09 -2.68 21.71
CA LEU A 331 5.83 -2.13 21.21
C LEU A 331 4.79 -3.20 20.89
N THR A 332 5.17 -4.48 20.87
CA THR A 332 4.26 -5.56 20.58
C THR A 332 4.18 -6.58 21.70
N ASP A 333 4.83 -6.32 22.83
CA ASP A 333 4.77 -7.24 23.96
C ASP A 333 3.35 -7.30 24.51
N PRO A 334 2.86 -8.49 24.86
CA PRO A 334 1.48 -8.59 25.39
C PRO A 334 1.23 -7.71 26.61
N LYS A 335 2.22 -7.52 27.48
CA LYS A 335 2.04 -6.68 28.66
C LYS A 335 1.91 -5.21 28.27
N TYR A 336 2.64 -4.79 27.25
CA TYR A 336 2.50 -3.43 26.76
C TYR A 336 1.13 -3.22 26.12
N ILE A 337 0.72 -4.16 25.27
CA ILE A 337 -0.60 -4.09 24.65
C ILE A 337 -1.69 -4.02 25.72
N ALA A 338 -1.53 -4.79 26.82
CA ALA A 338 -2.52 -4.71 27.89
C ALA A 338 -2.52 -3.33 28.53
N LYS A 339 -1.34 -2.75 28.76
CA LYS A 339 -1.27 -1.42 29.35
C LYS A 339 -1.94 -0.38 28.46
N ARG A 340 -1.65 -0.41 27.16
CA ARG A 340 -2.23 0.57 26.26
C ARG A 340 -3.73 0.37 26.14
N ALA A 341 -4.18 -0.89 26.16
CA ALA A 341 -5.62 -1.16 26.14
C ALA A 341 -6.30 -0.53 27.34
N GLY A 342 -5.63 -0.48 28.49
CA GLY A 342 -6.19 0.14 29.67
C GLY A 342 -6.48 1.61 29.51
N GLU A 343 -5.83 2.27 28.56
CA GLU A 343 -6.02 3.71 28.34
C GLU A 343 -7.31 4.01 27.58
N VAL A 344 -7.84 3.03 26.85
CA VAL A 344 -9.02 3.25 26.03
C VAL A 344 -10.18 3.68 26.93
N ASN A 345 -10.82 4.77 26.54
CA ASN A 345 -11.97 5.27 27.28
C ASN A 345 -13.24 4.91 26.51
N PRO A 346 -14.05 3.97 26.98
CA PRO A 346 -15.19 3.50 26.19
C PRO A 346 -16.32 4.49 26.11
N ASP A 347 -16.33 5.51 26.98
CA ASP A 347 -17.49 6.39 27.13
C ASP A 347 -17.23 7.83 26.70
N ALA A 348 -15.98 8.24 26.54
CA ALA A 348 -15.64 9.61 26.19
C ALA A 348 -14.31 9.68 25.46
N ILE A 349 -14.09 10.78 24.75
CA ILE A 349 -12.86 10.98 24.01
C ILE A 349 -11.73 11.29 24.98
N SER A 350 -10.63 10.56 24.86
CA SER A 350 -9.43 10.86 25.64
C SER A 350 -8.81 12.19 25.21
N ALA A 351 -8.26 12.92 26.16
CA ALA A 351 -7.60 14.17 25.83
C ALA A 351 -6.41 13.91 24.92
N THR A 352 -6.44 14.51 23.72
CA THR A 352 -5.39 14.26 22.75
C THR A 352 -4.03 14.66 23.29
N GLU A 353 -3.97 15.78 24.02
CA GLU A 353 -2.71 16.26 24.56
C GLU A 353 -2.10 15.26 25.54
N LYS A 354 -2.93 14.41 26.15
CA LYS A 354 -2.48 13.44 27.14
C LYS A 354 -2.17 12.08 26.53
N VAL A 355 -2.48 11.86 25.25
CA VAL A 355 -2.06 10.64 24.58
C VAL A 355 -0.58 10.78 24.23
N ARG A 356 0.25 9.88 24.74
CA ARG A 356 1.68 9.94 24.57
C ARG A 356 2.18 8.66 23.91
N PRO A 357 3.36 8.71 23.26
CA PRO A 357 4.01 7.45 22.86
C PRO A 357 4.16 6.57 24.09
N GLY A 358 3.88 5.27 23.93
CA GLY A 358 3.60 4.43 25.07
C GLY A 358 4.81 4.02 25.89
N LEU A 359 6.02 4.16 25.35
CA LEU A 359 7.23 3.84 26.08
C LEU A 359 7.75 5.04 26.88
N GLU A 360 7.14 6.21 26.74
CA GLU A 360 7.59 7.40 27.46
C GLU A 360 7.20 7.27 28.92
N PRO A 361 8.15 7.32 29.87
CA PRO A 361 7.81 7.21 31.28
C PRO A 361 7.11 8.45 31.82
N THR B 1 -1.20 4.01 -4.55
CA THR B 1 -1.17 2.62 -4.19
C THR B 1 -2.27 1.81 -4.87
N THR B 2 -1.96 0.55 -5.15
CA THR B 2 -2.99 -0.45 -5.46
C THR B 2 -2.54 -1.77 -4.85
N HIS B 3 -3.48 -2.71 -4.79
CA HIS B 3 -3.24 -3.98 -4.17
C HIS B 3 -3.88 -5.08 -5.02
N PHE B 4 -3.24 -6.25 -5.08
CA PHE B 4 -3.90 -7.43 -5.62
C PHE B 4 -3.55 -8.64 -4.75
N SER B 5 -4.45 -9.63 -4.80
CA SER B 5 -4.37 -10.85 -4.01
C SER B 5 -4.55 -12.03 -4.96
N ILE B 6 -3.72 -13.08 -4.77
CA ILE B 6 -3.78 -14.27 -5.61
C ILE B 6 -3.59 -15.50 -4.73
N VAL B 7 -4.37 -16.54 -5.03
CA VAL B 7 -4.19 -17.86 -4.43
C VAL B 7 -4.19 -18.86 -5.59
N ASP B 8 -3.24 -19.82 -5.58
CA ASP B 8 -3.23 -20.85 -6.59
C ASP B 8 -3.82 -22.14 -6.03
N LYS B 9 -4.06 -23.11 -6.91
CA LYS B 9 -4.76 -24.33 -6.53
C LYS B 9 -3.94 -25.20 -5.57
N ASP B 10 -2.66 -24.89 -5.37
CA ASP B 10 -1.83 -25.57 -4.38
C ASP B 10 -1.88 -24.87 -3.03
N GLY B 11 -2.72 -23.86 -2.87
CA GLY B 11 -2.80 -23.13 -1.63
C GLY B 11 -1.71 -22.11 -1.40
N ASN B 12 -0.87 -21.83 -2.39
CA ASN B 12 0.09 -20.74 -2.27
C ASN B 12 -0.65 -19.42 -2.47
N ALA B 13 -0.16 -18.40 -1.78
CA ALA B 13 -0.82 -17.10 -1.81
C ALA B 13 0.19 -15.99 -1.96
N VAL B 14 -0.20 -14.95 -2.69
CA VAL B 14 0.55 -13.71 -2.80
C VAL B 14 -0.39 -12.55 -2.50
N SER B 15 0.05 -11.64 -1.64
CA SER B 15 -0.63 -10.39 -1.36
C SER B 15 0.37 -9.28 -1.65
N ASN B 16 0.06 -8.45 -2.65
CA ASN B 16 1.05 -7.49 -3.15
C ASN B 16 0.47 -6.09 -3.17
N THR B 17 1.11 -5.18 -2.42
CA THR B 17 0.72 -3.77 -2.42
C THR B 17 1.89 -3.00 -2.99
N TYR B 18 1.63 -2.16 -3.99
N TYR B 18 1.64 -2.16 -4.01
CA TYR B 18 2.71 -1.36 -4.56
CA TYR B 18 2.72 -1.36 -4.57
C TYR B 18 2.16 -0.02 -5.03
C TYR B 18 2.16 -0.03 -5.05
N THR B 19 3.06 0.91 -5.33
CA THR B 19 2.66 2.31 -5.38
C THR B 19 3.69 3.21 -6.03
N LEU B 20 3.20 4.37 -6.48
CA LEU B 20 4.01 5.55 -6.79
C LEU B 20 3.92 6.61 -5.70
N ASN B 21 3.14 6.35 -4.66
CA ASN B 21 2.74 7.23 -3.57
C ASN B 21 1.45 7.96 -4.02
N TRP B 22 1.52 9.23 -4.34
CA TRP B 22 0.33 9.91 -4.83
C TRP B 22 -0.06 9.34 -6.20
N ASP B 23 -1.31 9.58 -6.63
CA ASP B 23 -1.72 9.04 -7.92
C ASP B 23 -0.91 9.70 -9.04
N PHE B 24 -0.29 8.86 -9.87
CA PHE B 24 0.61 9.25 -10.95
C PHE B 24 1.93 9.79 -10.42
N GLY B 25 2.21 9.58 -9.14
CA GLY B 25 3.53 9.84 -8.61
C GLY B 25 3.95 11.29 -8.72
N SER B 26 5.24 11.47 -9.05
CA SER B 26 5.85 12.79 -9.16
C SER B 26 5.41 13.53 -10.40
N GLY B 27 4.68 12.87 -11.31
CA GLY B 27 4.35 13.48 -12.58
C GLY B 27 5.45 13.48 -13.59
N VAL B 28 6.64 13.00 -13.26
CA VAL B 28 7.76 12.93 -14.18
C VAL B 28 7.74 11.60 -14.92
N VAL B 29 7.70 11.66 -16.23
CA VAL B 29 7.84 10.50 -17.10
C VAL B 29 9.26 10.44 -17.61
N VAL B 30 9.84 9.23 -17.59
CA VAL B 30 11.19 9.06 -18.12
C VAL B 30 11.11 9.11 -19.64
N LYS B 31 11.58 10.19 -20.23
CA LYS B 31 11.50 10.36 -21.67
C LYS B 31 12.19 9.19 -22.36
N GLY B 32 11.52 8.63 -23.37
CA GLY B 32 12.04 7.51 -24.11
C GLY B 32 11.68 6.16 -23.53
N ALA B 33 11.27 6.11 -22.26
CA ALA B 33 10.94 4.85 -21.61
C ALA B 33 9.47 4.75 -21.24
N GLY B 34 8.80 5.88 -20.99
CA GLY B 34 7.36 5.90 -20.87
C GLY B 34 6.77 5.62 -19.51
N PHE B 35 7.57 5.45 -18.46
CA PHE B 35 7.01 5.19 -17.14
C PHE B 35 7.19 6.37 -16.20
N LEU B 36 6.27 6.46 -15.24
CA LEU B 36 6.25 7.51 -14.24
C LEU B 36 7.19 7.19 -13.09
N LEU B 37 7.79 8.23 -12.53
CA LEU B 37 8.57 8.11 -11.32
C LEU B 37 7.74 8.45 -10.09
N ASN B 38 7.95 7.68 -9.02
CA ASN B 38 7.26 7.88 -7.77
C ASN B 38 7.56 9.23 -7.11
N ASP B 39 6.69 9.61 -6.17
CA ASP B 39 6.99 10.69 -5.22
C ASP B 39 7.02 10.17 -3.79
N GLU B 40 7.70 9.03 -3.58
N GLU B 40 7.69 9.04 -3.58
CA GLU B 40 7.70 8.37 -2.28
CA GLU B 40 7.69 8.38 -2.28
C GLU B 40 8.46 9.17 -1.23
C GLU B 40 8.46 9.17 -1.22
N MET B 41 9.30 10.11 -1.63
CA MET B 41 10.10 10.85 -0.66
C MET B 41 9.21 11.57 0.35
N ASP B 42 7.95 11.86 -0.01
CA ASP B 42 7.07 12.57 0.91
C ASP B 42 6.66 11.71 2.11
N ASP B 43 6.92 10.41 2.07
CA ASP B 43 6.64 9.56 3.22
C ASP B 43 7.69 9.69 4.32
N PHE B 44 8.85 10.27 4.05
CA PHE B 44 9.74 10.62 5.14
C PHE B 44 9.14 11.79 5.93
N SER B 45 9.61 11.99 7.16
CA SER B 45 9.39 13.25 7.85
C SER B 45 10.33 14.30 7.25
N SER B 46 9.74 15.38 6.70
CA SER B 46 10.54 16.46 6.11
C SER B 46 11.04 17.44 7.16
N LYS B 47 10.35 17.51 8.29
CA LYS B 47 10.57 18.43 9.38
C LYS B 47 9.85 17.83 10.58
N PRO B 48 10.50 17.68 11.72
CA PRO B 48 9.84 17.03 12.86
C PRO B 48 8.52 17.68 13.20
N GLY B 49 7.47 16.85 13.32
CA GLY B 49 6.16 17.28 13.72
C GLY B 49 5.30 17.86 12.63
N VAL B 50 5.84 18.05 11.42
CA VAL B 50 5.09 18.61 10.30
C VAL B 50 4.43 17.47 9.55
N ALA B 51 3.12 17.58 9.32
CA ALA B 51 2.37 16.51 8.68
C ALA B 51 2.68 16.44 7.19
N ASN B 52 2.70 15.22 6.66
CA ASN B 52 2.89 15.00 5.23
C ASN B 52 1.52 14.96 4.54
N ALA B 53 1.49 14.47 3.29
CA ALA B 53 0.27 14.52 2.49
C ALA B 53 -0.87 13.73 3.10
N PHE B 54 -0.56 12.72 3.93
CA PHE B 54 -1.59 11.92 4.57
C PHE B 54 -1.88 12.36 5.99
N GLY B 55 -1.29 13.48 6.43
CA GLY B 55 -1.55 14.00 7.74
C GLY B 55 -0.75 13.38 8.85
N VAL B 56 0.25 12.54 8.52
CA VAL B 56 1.01 11.83 9.53
C VAL B 56 2.33 12.55 9.78
N VAL B 57 2.83 12.42 11.00
CA VAL B 57 4.02 13.14 11.45
C VAL B 57 5.10 12.16 11.84
N GLY B 58 6.31 12.69 12.04
CA GLY B 58 7.41 11.87 12.51
C GLY B 58 8.50 12.76 13.05
N SER B 59 9.61 12.13 13.43
CA SER B 59 10.79 12.83 13.88
C SER B 59 12.03 12.08 13.37
N ASP B 60 12.93 11.68 14.28
CA ASP B 60 14.23 11.19 13.85
C ASP B 60 14.16 9.83 13.19
N ALA B 61 13.34 8.91 13.73
CA ALA B 61 13.33 7.55 13.19
C ALA B 61 13.00 7.53 11.71
N ASN B 62 12.15 8.44 11.24
CA ASN B 62 11.74 8.48 9.85
C ASN B 62 12.23 9.72 9.12
N ALA B 63 13.32 10.33 9.61
CA ALA B 63 13.96 11.43 8.91
C ALA B 63 14.65 10.94 7.63
N ILE B 64 14.84 11.87 6.68
CA ILE B 64 15.52 11.54 5.44
C ILE B 64 16.98 11.19 5.72
N GLU B 65 17.44 10.07 5.15
CA GLU B 65 18.86 9.72 5.16
C GLU B 65 19.13 9.01 3.85
N PRO B 66 20.31 9.20 3.25
CA PRO B 66 20.61 8.47 2.00
C PRO B 66 20.56 6.96 2.22
N GLY B 67 19.98 6.26 1.23
CA GLY B 67 19.86 4.81 1.25
C GLY B 67 18.78 4.25 2.15
N LYS B 68 17.99 5.12 2.79
CA LYS B 68 16.97 4.73 3.74
C LYS B 68 15.62 4.53 3.07
N ARG B 69 14.86 3.56 3.59
CA ARG B 69 13.50 3.34 3.18
C ARG B 69 12.59 4.21 4.03
N MET B 70 11.68 4.91 3.38
CA MET B 70 10.69 5.73 4.05
C MET B 70 9.57 4.91 4.63
N LEU B 71 9.15 5.27 5.83
CA LEU B 71 8.09 4.55 6.53
C LEU B 71 6.84 4.48 5.66
N SER B 72 6.19 3.32 5.66
CA SER B 72 5.00 3.09 4.86
C SER B 72 3.85 2.69 5.78
N SER B 73 2.65 2.77 5.22
CA SER B 73 1.48 2.16 5.83
C SER B 73 1.01 0.92 5.08
N MET B 74 1.66 0.57 3.98
CA MET B 74 1.17 -0.53 3.13
C MET B 74 1.30 -1.83 3.91
N SER B 75 0.25 -2.66 3.85
CA SER B 75 0.12 -3.79 4.77
C SER B 75 -0.45 -5.02 4.08
N PRO B 76 0.19 -5.51 3.03
CA PRO B 76 -0.30 -6.73 2.36
C PRO B 76 -0.29 -7.86 3.38
N SER B 77 -1.42 -8.57 3.46
CA SER B 77 -1.64 -9.49 4.56
C SER B 77 -2.18 -10.83 4.08
N ILE B 78 -1.84 -11.86 4.84
CA ILE B 78 -2.34 -13.21 4.64
C ILE B 78 -2.70 -13.77 6.02
N VAL B 79 -3.95 -14.19 6.18
CA VAL B 79 -4.35 -14.89 7.39
C VAL B 79 -4.35 -16.39 7.10
N THR B 80 -3.85 -17.17 8.05
CA THR B 80 -3.84 -18.62 7.96
C THR B 80 -4.50 -19.20 9.20
N ARG B 81 -4.91 -20.47 9.08
CA ARG B 81 -5.38 -21.24 10.21
C ARG B 81 -4.96 -22.69 9.94
N ASP B 82 -4.25 -23.28 10.90
CA ASP B 82 -3.78 -24.67 10.79
C ASP B 82 -2.84 -24.88 9.61
N GLY B 83 -2.04 -23.88 9.29
CA GLY B 83 -1.08 -24.03 8.21
C GLY B 83 -1.66 -23.92 6.82
N HIS B 84 -2.88 -23.43 6.70
CA HIS B 84 -3.51 -23.23 5.41
C HIS B 84 -4.02 -21.81 5.30
N VAL B 85 -3.91 -21.25 4.12
CA VAL B 85 -4.41 -19.90 3.89
C VAL B 85 -5.91 -19.88 4.10
N SER B 86 -6.37 -18.85 4.77
CA SER B 86 -7.80 -18.61 4.98
C SER B 86 -8.27 -17.28 4.43
N LEU B 87 -7.42 -16.25 4.40
CA LEU B 87 -7.84 -14.95 3.89
C LEU B 87 -6.63 -14.21 3.37
N VAL B 88 -6.77 -13.62 2.19
CA VAL B 88 -5.70 -12.81 1.59
C VAL B 88 -6.30 -11.45 1.31
N LEU B 89 -5.64 -10.39 1.77
CA LEU B 89 -6.24 -9.08 1.60
C LEU B 89 -5.19 -7.98 1.69
N GLY B 90 -5.57 -6.84 1.13
CA GLY B 90 -4.77 -5.62 1.21
C GLY B 90 -5.52 -4.51 0.52
N THR B 91 -4.95 -3.31 0.59
CA THR B 91 -5.66 -2.14 0.11
C THR B 91 -4.71 -0.97 -0.06
N PRO B 92 -5.06 -0.02 -0.93
CA PRO B 92 -4.48 1.32 -0.92
C PRO B 92 -5.12 2.17 0.17
N GLY B 93 -4.67 3.42 0.27
CA GLY B 93 -5.30 4.40 1.12
C GLY B 93 -4.38 5.16 2.05
N GLY B 94 -3.07 5.13 1.79
CA GLY B 94 -2.12 5.84 2.62
C GLY B 94 -2.25 5.47 4.08
N SER B 95 -2.38 6.48 4.95
CA SER B 95 -2.40 6.19 6.37
C SER B 95 -3.68 5.49 6.81
N ARG B 96 -4.66 5.29 5.91
CA ARG B 96 -5.86 4.54 6.23
C ARG B 96 -5.72 3.05 5.94
N ILE B 97 -4.60 2.60 5.42
CA ILE B 97 -4.51 1.23 4.93
C ILE B 97 -4.72 0.23 6.05
N PHE B 98 -3.95 0.37 7.15
CA PHE B 98 -4.03 -0.64 8.18
C PHE B 98 -5.29 -0.49 9.02
N THR B 99 -5.84 0.73 9.15
CA THR B 99 -7.14 0.81 9.82
C THR B 99 -8.24 0.20 8.97
N SER B 100 -8.14 0.30 7.63
CA SER B 100 -9.15 -0.36 6.79
C SER B 100 -9.02 -1.87 6.86
N ILE B 101 -7.80 -2.40 6.83
CA ILE B 101 -7.62 -3.84 6.98
C ILE B 101 -8.18 -4.32 8.33
N PHE B 102 -7.90 -3.58 9.41
CA PHE B 102 -8.41 -3.91 10.73
C PHE B 102 -9.93 -3.99 10.72
N GLN B 103 -10.59 -3.02 10.08
CA GLN B 103 -12.04 -3.04 10.03
C GLN B 103 -12.54 -4.25 9.25
N VAL B 104 -11.91 -4.57 8.12
CA VAL B 104 -12.36 -5.73 7.38
C VAL B 104 -12.16 -7.00 8.21
N LEU B 105 -11.02 -7.12 8.91
CA LEU B 105 -10.79 -8.29 9.76
C LEU B 105 -11.85 -8.37 10.86
N ASN B 106 -12.17 -7.23 11.48
CA ASN B 106 -13.23 -7.25 12.49
C ASN B 106 -14.55 -7.71 11.88
N ASN B 107 -14.85 -7.26 10.67
CA ASN B 107 -16.12 -7.63 10.03
C ASN B 107 -16.19 -9.12 9.74
N VAL B 108 -15.08 -9.71 9.28
CA VAL B 108 -15.05 -11.13 9.00
C VAL B 108 -15.03 -11.96 10.28
N TYR B 109 -14.14 -11.62 11.22
CA TYR B 109 -13.84 -12.49 12.35
C TYR B 109 -14.66 -12.22 13.60
N ASP B 110 -15.14 -11.00 13.79
CA ASP B 110 -15.97 -10.68 14.95
C ASP B 110 -17.44 -10.53 14.62
N PHE B 111 -17.78 -9.87 13.52
CA PHE B 111 -19.18 -9.78 13.12
C PHE B 111 -19.61 -10.91 12.21
N HIS B 112 -18.69 -11.74 11.75
CA HIS B 112 -19.00 -12.94 10.98
C HIS B 112 -19.79 -12.61 9.72
N LEU B 113 -19.39 -11.50 9.06
CA LEU B 113 -20.07 -11.09 7.85
C LEU B 113 -19.54 -11.87 6.64
N PRO B 114 -20.40 -12.11 5.66
CA PRO B 114 -19.92 -12.62 4.37
C PRO B 114 -18.87 -11.65 3.84
N LEU B 115 -17.88 -12.20 3.14
CA LEU B 115 -16.77 -11.39 2.66
C LEU B 115 -17.24 -10.17 1.89
N GLU B 116 -18.24 -10.33 1.02
CA GLU B 116 -18.67 -9.20 0.21
C GLU B 116 -19.23 -8.08 1.08
N LYS B 117 -19.97 -8.43 2.14
CA LYS B 117 -20.49 -7.42 3.05
C LYS B 117 -19.38 -6.83 3.89
N ALA B 118 -18.42 -7.65 4.30
CA ALA B 118 -17.31 -7.17 5.10
C ALA B 118 -16.48 -6.13 4.36
N VAL B 119 -16.35 -6.29 3.05
CA VAL B 119 -15.61 -5.34 2.23
C VAL B 119 -16.46 -4.14 1.84
N ALA B 120 -17.74 -4.34 1.59
CA ALA B 120 -18.58 -3.23 1.18
C ALA B 120 -18.94 -2.31 2.35
N ALA B 121 -18.83 -2.78 3.58
CA ALA B 121 -19.25 -2.00 4.73
C ALA B 121 -18.54 -0.66 4.80
N GLN B 122 -19.27 0.34 5.31
CA GLN B 122 -18.67 1.62 5.65
C GLN B 122 -17.40 1.44 6.45
N ARG B 123 -16.37 2.21 6.11
CA ARG B 123 -15.15 2.31 6.88
C ARG B 123 -14.88 3.76 7.20
N VAL B 124 -14.30 4.01 8.37
CA VAL B 124 -13.94 5.36 8.80
C VAL B 124 -12.53 5.31 9.37
N HIS B 125 -11.97 6.47 9.67
CA HIS B 125 -10.57 6.53 10.07
C HIS B 125 -10.30 7.68 11.04
N HIS B 126 -9.51 7.39 12.07
CA HIS B 126 -8.99 8.39 12.97
C HIS B 126 -7.51 8.12 13.17
N GLN B 127 -6.71 9.19 13.36
CA GLN B 127 -5.26 9.02 13.44
C GLN B 127 -4.60 10.00 14.39
N LEU B 128 -5.28 10.35 15.49
CA LEU B 128 -4.75 11.19 16.58
C LEU B 128 -4.62 12.64 16.16
N LEU B 129 -3.91 12.89 15.06
CA LEU B 129 -3.81 14.22 14.48
C LEU B 129 -4.20 14.11 13.01
N PRO B 130 -5.11 14.97 12.52
CA PRO B 130 -5.74 16.11 13.21
C PRO B 130 -6.61 15.72 14.41
N LYS B 131 -6.61 16.61 15.40
CA LYS B 131 -7.25 16.30 16.68
C LYS B 131 -8.72 15.92 16.52
N ASP B 132 -9.08 14.76 17.06
CA ASP B 132 -10.47 14.33 17.20
C ASP B 132 -11.24 14.38 15.89
N THR B 133 -10.54 14.15 14.78
CA THR B 133 -11.13 14.18 13.46
C THR B 133 -11.30 12.76 12.95
N ILE B 134 -12.53 12.41 12.59
CA ILE B 134 -12.84 11.14 11.95
C ILE B 134 -13.11 11.40 10.48
N TYR B 135 -12.41 10.67 9.62
CA TYR B 135 -12.55 10.79 8.18
C TYR B 135 -13.51 9.74 7.67
N TYR B 136 -14.30 10.13 6.67
CA TYR B 136 -15.23 9.23 5.99
C TYR B 136 -15.11 9.51 4.49
N ASP B 137 -15.67 8.60 3.68
CA ASP B 137 -15.66 8.77 2.23
C ASP B 137 -17.07 9.03 1.70
N ALA B 138 -17.13 9.42 0.43
CA ALA B 138 -18.42 9.70 -0.18
C ALA B 138 -19.16 8.43 -0.57
N TYR B 139 -18.44 7.31 -0.65
CA TYR B 139 -19.08 6.02 -0.88
C TYR B 139 -20.04 5.65 0.25
N ALA B 140 -19.62 5.87 1.49
CA ALA B 140 -20.45 5.54 2.67
C ALA B 140 -20.24 6.60 3.72
N PRO B 141 -20.79 7.79 3.51
CA PRO B 141 -20.52 8.90 4.43
C PRO B 141 -21.15 8.67 5.79
N LEU B 142 -20.55 9.27 6.80
CA LEU B 142 -21.17 9.32 8.11
C LEU B 142 -22.36 10.26 8.09
N THR B 143 -23.52 9.75 8.49
CA THR B 143 -24.74 10.54 8.46
C THR B 143 -25.64 10.10 9.60
N GLY B 144 -26.73 10.85 9.78
CA GLY B 144 -27.80 10.44 10.66
C GLY B 144 -27.36 10.30 12.11
N LYS B 145 -28.00 9.35 12.81
CA LYS B 145 -27.83 9.28 14.25
C LYS B 145 -26.39 8.97 14.65
N VAL B 146 -25.68 8.17 13.86
CA VAL B 146 -24.30 7.85 14.23
C VAL B 146 -23.43 9.10 14.12
N ALA B 147 -23.56 9.82 13.01
CA ALA B 147 -22.81 11.07 12.88
C ALA B 147 -23.15 12.03 14.00
N ASP B 148 -24.43 12.16 14.33
CA ASP B 148 -24.84 13.16 15.32
C ASP B 148 -24.29 12.80 16.69
N GLU B 149 -24.32 11.51 17.06
CA GLU B 149 -23.77 11.12 18.34
C GLU B 149 -22.26 11.35 18.39
N LEU B 150 -21.54 10.98 17.32
CA LEU B 150 -20.10 11.21 17.32
C LEU B 150 -19.80 12.70 17.49
N LYS B 151 -20.56 13.56 16.81
CA LYS B 151 -20.35 15.00 16.97
C LYS B 151 -20.65 15.43 18.39
N ALA B 152 -21.67 14.82 19.01
CA ALA B 152 -21.99 15.12 20.41
C ALA B 152 -20.88 14.71 21.36
N MET B 153 -20.16 13.62 21.05
CA MET B 153 -18.99 13.25 21.86
C MET B 153 -17.85 14.24 21.73
N GLY B 154 -17.81 15.02 20.63
CA GLY B 154 -16.79 16.02 20.41
C GLY B 154 -15.92 15.79 19.20
N TYR B 155 -16.30 14.84 18.34
CA TYR B 155 -15.55 14.58 17.13
C TYR B 155 -15.90 15.56 16.02
N THR B 156 -14.90 15.86 15.19
CA THR B 156 -15.09 16.55 13.92
C THR B 156 -15.11 15.48 12.84
N LEU B 157 -16.13 15.51 11.98
CA LEU B 157 -16.26 14.54 10.89
C LEU B 157 -15.95 15.23 9.57
N GLU B 158 -15.03 14.64 8.80
CA GLU B 158 -14.59 15.23 7.54
C GLU B 158 -14.66 14.19 6.41
N ASP B 159 -15.28 14.60 5.30
CA ASP B 159 -15.19 13.84 4.05
C ASP B 159 -13.80 14.05 3.47
N GLN B 160 -13.02 12.98 3.42
CA GLN B 160 -11.63 13.09 2.99
C GLN B 160 -11.46 13.31 1.48
N GLY B 161 -12.49 13.09 0.67
CA GLY B 161 -12.44 13.45 -0.73
C GLY B 161 -11.87 12.38 -1.63
N TRP B 162 -11.79 11.16 -1.15
CA TRP B 162 -11.32 9.98 -1.89
C TRP B 162 -11.78 8.76 -1.13
N ASN B 163 -12.10 7.70 -1.86
CA ASN B 163 -12.67 6.52 -1.23
C ASN B 163 -11.68 5.95 -0.23
N MET B 164 -12.25 5.33 0.80
N MET B 164 -12.23 5.39 0.85
CA MET B 164 -11.50 4.84 1.96
CA MET B 164 -11.41 4.90 1.94
C MET B 164 -10.98 3.44 1.66
C MET B 164 -10.97 3.48 1.64
N GLY B 165 -10.00 3.38 0.74
CA GLY B 165 -9.42 2.12 0.36
C GLY B 165 -10.09 1.48 -0.84
N ASP B 166 -9.59 0.28 -1.15
CA ASP B 166 -9.97 -0.51 -2.33
C ASP B 166 -9.50 -1.93 -2.02
N ILE B 167 -10.19 -2.57 -1.10
CA ILE B 167 -9.78 -3.90 -0.63
C ILE B 167 -9.96 -4.90 -1.77
N GLN B 168 -8.96 -5.76 -1.95
CA GLN B 168 -9.04 -6.88 -2.88
C GLN B 168 -8.72 -8.11 -2.05
N ALA B 169 -9.69 -9.01 -1.91
CA ALA B 169 -9.59 -10.09 -0.95
C ALA B 169 -10.00 -11.43 -1.54
N ILE B 170 -9.38 -12.48 -1.00
CA ILE B 170 -9.75 -13.87 -1.31
C ILE B 170 -9.94 -14.59 0.01
N ARG B 171 -11.02 -15.33 0.14
CA ARG B 171 -11.28 -16.14 1.32
C ARG B 171 -11.29 -17.60 0.90
N VAL B 172 -10.73 -18.45 1.75
CA VAL B 172 -10.66 -19.89 1.52
C VAL B 172 -11.44 -20.55 2.64
N ASN B 173 -12.38 -21.41 2.28
CA ASN B 173 -13.15 -22.21 3.23
C ASN B 173 -13.01 -23.68 2.81
N GLY B 174 -12.14 -24.41 3.49
CA GLY B 174 -11.85 -25.76 3.05
C GLY B 174 -11.17 -25.72 1.70
N LYS B 175 -11.80 -26.32 0.69
CA LYS B 175 -11.28 -26.28 -0.66
C LYS B 175 -11.87 -25.16 -1.50
N ALA B 176 -12.92 -24.49 -1.02
CA ALA B 176 -13.67 -23.53 -1.81
C ALA B 176 -13.05 -22.14 -1.66
N LEU B 177 -13.08 -21.37 -2.75
CA LEU B 177 -12.54 -20.03 -2.80
C LEU B 177 -13.63 -19.05 -3.17
N GLU B 178 -13.50 -17.83 -2.63
CA GLU B 178 -14.35 -16.71 -3.01
C GLU B 178 -13.48 -15.47 -3.09
N THR B 179 -13.89 -14.55 -3.95
CA THR B 179 -13.19 -13.29 -4.11
C THR B 179 -14.12 -12.14 -3.75
N ALA B 180 -13.54 -11.04 -3.32
CA ALA B 180 -14.29 -9.81 -3.14
C ALA B 180 -13.41 -8.65 -3.62
N SER B 181 -14.01 -7.82 -4.47
CA SER B 181 -13.43 -6.58 -4.96
C SER B 181 -14.26 -5.42 -4.43
N ASP B 182 -13.57 -4.45 -3.85
CA ASP B 182 -14.27 -3.35 -3.18
C ASP B 182 -15.16 -2.60 -4.15
N PRO B 183 -16.43 -2.38 -3.80
CA PRO B 183 -17.28 -1.55 -4.64
C PRO B 183 -16.82 -0.10 -4.73
N ARG B 184 -15.85 0.32 -3.91
CA ARG B 184 -15.29 1.65 -4.05
C ARG B 184 -14.47 1.81 -5.31
N GLY B 185 -14.02 0.71 -5.91
CA GLY B 185 -13.17 0.77 -7.09
C GLY B 185 -13.69 -0.06 -8.22
N ARG B 186 -12.81 -0.39 -9.16
CA ARG B 186 -13.18 -1.05 -10.42
C ARG B 186 -12.56 -2.44 -10.50
N GLY B 187 -12.30 -3.02 -9.35
CA GLY B 187 -11.66 -4.32 -9.28
C GLY B 187 -12.55 -5.45 -9.77
N VAL B 188 -11.89 -6.55 -10.12
CA VAL B 188 -12.54 -7.76 -10.60
C VAL B 188 -11.88 -8.93 -9.90
N GLY B 189 -12.68 -9.91 -9.53
CA GLY B 189 -12.19 -11.14 -8.95
C GLY B 189 -12.68 -12.31 -9.79
N MET B 190 -11.87 -13.36 -9.84
CA MET B 190 -12.21 -14.56 -10.58
C MET B 190 -11.73 -15.77 -9.80
N VAL B 191 -12.57 -16.78 -9.68
CA VAL B 191 -12.11 -18.11 -9.25
C VAL B 191 -11.82 -18.90 -10.51
N VAL B 192 -10.64 -19.52 -10.55
CA VAL B 192 -10.12 -20.17 -11.74
C VAL B 192 -10.18 -21.66 -11.49
N LYS B 193 -11.15 -22.33 -12.10
CA LYS B 193 -11.36 -23.76 -11.88
C LYS B 193 -11.91 -24.42 -13.15
C1 GOL C . -14.82 2.79 -15.48
O1 GOL C . -15.61 3.64 -16.27
C2 GOL C . -15.55 2.52 -14.16
O2 GOL C . -15.12 1.32 -13.60
C3 GOL C . -15.27 3.73 -13.22
O3 GOL C . -13.96 3.68 -12.78
H11 GOL C . -13.95 3.17 -15.28
H12 GOL C . -14.65 1.95 -15.91
H2 GOL C . -16.51 2.46 -14.31
H31 GOL C . -15.92 3.69 -12.49
H32 GOL C . -15.49 4.54 -13.70
O DON D . 3.60 3.81 1.46
C DON D . 2.55 4.50 1.94
OXT DON D . 2.12 4.22 3.05
CA DON D . 1.97 5.44 0.91
N DON D . 3.01 6.05 0.10
CB DON D . 0.90 4.58 0.21
C1E DON D . 0.32 5.26 -1.00
C1D DON D . -0.88 4.46 -1.43
O1J DON D . -1.22 3.40 -0.87
H2 DON D . 3.91 5.76 0.41
HA DON D . 1.44 6.34 1.36
H DON D . 2.95 7.05 0.16
HB2 DON D . 0.08 4.33 0.93
HB3 DON D . 1.37 3.61 -0.12
H1E1 DON D . 0.00 6.31 -0.75
H1E2 DON D . 1.07 5.32 -1.83
C1 GOL E . -9.50 -8.96 14.24
O1 GOL E . -9.19 -7.61 14.21
C2 GOL E . -10.56 -9.14 15.34
O2 GOL E . -11.09 -10.45 15.32
C3 GOL E . -9.89 -8.84 16.69
O3 GOL E . -10.86 -9.05 17.72
H11 GOL E . -8.73 -9.51 14.45
H12 GOL E . -9.84 -9.29 13.40
HO1 GOL E . -9.72 -7.25 13.65
H2 GOL E . -11.30 -8.52 15.20
HO2 GOL E . -11.50 -10.57 16.06
H31 GOL E . -9.53 -7.93 16.68
H32 GOL E . -9.10 -9.40 16.78
HO3 GOL E . -10.91 -9.88 17.85
#